data_1JG0
#
_entry.id   1JG0
#
_cell.length_a   53.797
_cell.length_b   87.062
_cell.length_c   127.461
_cell.angle_alpha   90.00
_cell.angle_beta   90.00
_cell.angle_gamma   90.00
#
_symmetry.space_group_name_H-M   'P 21 21 21'
#
loop_
_entity.id
_entity.type
_entity.pdbx_description
1 polymer 'thymidylate synthase'
2 non-polymer "2'-DEOXYURIDINE 5'-MONOPHOSPHATE"
3 non-polymer N,O-DIDANSYL-L-TYROSINE
4 water water
#
_entity_poly.entity_id   1
_entity_poly.type   'polypeptide(L)'
_entity_poly.pdbx_seq_one_letter_code
;(CXM)KQYLELMQKVLDEGTQKNDATGTGTLSIFGHQMRFNLQDGFPLVTTKRCHLRSIIHELLWFLQGDTNIAYLHENN
VTIWDEWADENGDLGPVYGKQWRAWPTPDGAHIDQITTVLNQLKNDPDSRRIIVSAWNVGELDKMALAPCHAFFQFYVAD
GKLSCQLYQRSCDVFLGLPFNIASYALLVHMMAQQCDLEVGDFVWTGGDTHLYSNHMDQTHLQLSREPRPLPKLIIKRKP
ESIFDYRFEDFEIEGYDPHPGIKAPVAI
;
_entity_poly.pdbx_strand_id   A,B
#
loop_
_chem_comp.id
_chem_comp.type
_chem_comp.name
_chem_comp.formula
DDT non-polymer N,O-DIDANSYL-L-TYROSINE 'C33 H33 N3 O7 S2'
UMP non-polymer '2'-DEOXYURIDINE 5'-MONOPHOSPHATE' 'C9 H13 N2 O8 P'
#
# COMPACT_ATOMS: atom_id res chain seq x y z
N CXM A 1 -10.10 -20.59 2.44
CA CXM A 1 -8.92 -20.57 3.35
CB CXM A 1 -7.74 -19.82 2.73
CG CXM A 1 -7.20 -20.47 1.49
SD CXM A 1 -5.84 -19.53 0.73
CE CXM A 1 -6.72 -18.17 -0.04
C CXM A 1 -9.33 -19.87 4.63
O CXM A 1 -10.19 -18.99 4.64
CN CXM A 1 -10.38 -21.71 1.71
ON1 CXM A 1 -11.38 -21.69 0.96
ON2 CXM A 1 -9.55 -22.64 1.68
N LYS A 2 -8.69 -20.29 5.72
CA LYS A 2 -8.96 -19.73 7.03
C LYS A 2 -8.96 -18.18 6.97
N GLN A 3 -7.84 -17.60 6.52
CA GLN A 3 -7.72 -16.14 6.43
C GLN A 3 -8.79 -15.52 5.54
N TYR A 4 -9.09 -16.18 4.43
CA TYR A 4 -10.08 -15.70 3.47
C TYR A 4 -11.50 -15.69 4.08
N LEU A 5 -11.86 -16.77 4.76
CA LEU A 5 -13.18 -16.82 5.36
C LEU A 5 -13.34 -15.81 6.49
N GLU A 6 -12.27 -15.59 7.26
CA GLU A 6 -12.33 -14.61 8.33
C GLU A 6 -12.61 -13.23 7.76
N LEU A 7 -11.98 -12.89 6.64
CA LEU A 7 -12.23 -11.59 6.03
C LEU A 7 -13.67 -11.51 5.54
N MET A 8 -14.13 -12.59 4.91
CA MET A 8 -15.50 -12.60 4.42
C MET A 8 -16.46 -12.44 5.62
N GLN A 9 -16.21 -13.18 6.69
CA GLN A 9 -17.05 -13.10 7.89
C GLN A 9 -16.98 -11.69 8.47
N LYS A 10 -15.79 -11.11 8.50
CA LYS A 10 -15.62 -9.77 9.02
C LYS A 10 -16.42 -8.75 8.23
N VAL A 11 -16.35 -8.80 6.91
CA VAL A 11 -17.10 -7.85 6.07
C VAL A 11 -18.59 -7.99 6.30
N LEU A 12 -19.02 -9.23 6.53
CA LEU A 12 -20.44 -9.52 6.77
C LEU A 12 -20.83 -8.97 8.16
N ASP A 13 -20.04 -9.31 9.17
CA ASP A 13 -20.29 -8.87 10.53
C ASP A 13 -20.07 -7.37 10.78
N GLU A 14 -18.96 -6.83 10.29
CA GLU A 14 -18.62 -5.42 10.53
C GLU A 14 -18.74 -4.42 9.38
N GLY A 15 -19.01 -4.88 8.17
CA GLY A 15 -19.09 -3.98 7.02
C GLY A 15 -20.23 -2.99 6.98
N THR A 16 -19.99 -1.81 6.39
CA THR A 16 -21.01 -0.78 6.27
C THR A 16 -21.76 -0.92 4.96
N GLN A 17 -23.07 -0.66 4.97
CA GLN A 17 -23.87 -0.76 3.75
C GLN A 17 -23.70 0.47 2.87
N LYS A 18 -23.76 0.27 1.56
CA LYS A 18 -23.64 1.35 0.61
C LYS A 18 -24.44 1.06 -0.66
N ASN A 19 -25.47 1.86 -0.90
CA ASN A 19 -26.29 1.71 -2.09
C ASN A 19 -25.98 2.97 -2.88
N ASP A 20 -25.32 2.80 -4.02
CA ASP A 20 -24.91 3.95 -4.82
C ASP A 20 -25.18 3.88 -6.31
N ALA A 21 -24.15 4.20 -7.09
CA ALA A 21 -24.23 4.23 -8.53
C ALA A 21 -24.89 2.97 -9.10
N THR A 22 -25.98 3.20 -9.84
CA THR A 22 -26.75 2.15 -10.52
C THR A 22 -27.62 1.37 -9.52
N GLY A 23 -27.22 1.38 -8.26
CA GLY A 23 -27.97 0.66 -7.24
C GLY A 23 -27.16 -0.45 -6.59
N THR A 24 -26.25 -1.04 -7.36
CA THR A 24 -25.41 -2.11 -6.85
C THR A 24 -24.90 -1.72 -5.47
N GLY A 25 -25.42 -2.41 -4.47
CA GLY A 25 -25.00 -2.14 -3.11
C GLY A 25 -23.89 -3.06 -2.61
N THR A 26 -23.19 -2.62 -1.56
CA THR A 26 -22.10 -3.41 -1.01
C THR A 26 -22.05 -3.22 0.49
N LEU A 27 -21.37 -4.16 1.16
CA LEU A 27 -21.10 -4.10 2.58
C LEU A 27 -19.58 -3.93 2.56
N SER A 28 -19.05 -2.83 3.08
CA SER A 28 -17.60 -2.69 3.02
C SER A 28 -16.89 -2.19 4.27
N ILE A 29 -15.61 -2.56 4.37
CA ILE A 29 -14.76 -2.11 5.45
C ILE A 29 -13.60 -1.47 4.71
N PHE A 30 -12.77 -0.71 5.43
CA PHE A 30 -11.62 -0.06 4.80
C PHE A 30 -10.34 -0.41 5.56
N GLY A 31 -9.39 -1.01 4.87
CA GLY A 31 -8.14 -1.36 5.52
C GLY A 31 -8.19 -2.74 6.13
N HIS A 32 -7.45 -3.67 5.52
CA HIS A 32 -7.38 -5.03 6.01
C HIS A 32 -6.07 -5.62 5.56
N GLN A 33 -5.59 -6.60 6.30
CA GLN A 33 -4.35 -7.26 5.93
C GLN A 33 -4.35 -8.73 6.36
N MET A 34 -3.83 -9.60 5.49
CA MET A 34 -3.71 -11.01 5.83
C MET A 34 -2.41 -11.54 5.23
N ARG A 35 -1.92 -12.63 5.81
CA ARG A 35 -0.65 -13.20 5.39
C ARG A 35 -0.75 -14.69 5.09
N PHE A 36 -0.11 -15.12 4.01
CA PHE A 36 -0.08 -16.50 3.59
C PHE A 36 1.36 -16.96 3.48
N ASN A 37 1.76 -17.90 4.34
CA ASN A 37 3.10 -18.46 4.32
C ASN A 37 3.05 -19.44 3.15
N LEU A 38 3.70 -19.08 2.06
CA LEU A 38 3.66 -19.90 0.87
C LEU A 38 4.26 -21.30 1.08
N GLN A 39 5.04 -21.48 2.15
CA GLN A 39 5.58 -22.81 2.37
C GLN A 39 4.51 -23.73 2.94
N ASP A 40 3.41 -23.16 3.42
CA ASP A 40 2.28 -23.94 3.96
C ASP A 40 1.43 -24.53 2.84
N GLY A 41 1.67 -24.06 1.62
CA GLY A 41 0.92 -24.54 0.47
C GLY A 41 0.49 -23.37 -0.41
N PHE A 42 0.04 -23.66 -1.63
CA PHE A 42 -0.39 -22.60 -2.54
C PHE A 42 -1.79 -22.12 -2.15
N PRO A 43 -1.92 -20.79 -1.90
CA PRO A 43 -3.19 -20.17 -1.49
C PRO A 43 -4.35 -20.02 -2.48
N LEU A 44 -4.88 -21.14 -2.93
CA LEU A 44 -6.03 -21.17 -3.84
C LEU A 44 -7.22 -21.56 -2.96
N VAL A 45 -8.24 -20.71 -2.85
CA VAL A 45 -9.35 -21.08 -1.98
C VAL A 45 -9.92 -22.45 -2.32
N THR A 46 -10.22 -23.20 -1.27
CA THR A 46 -10.75 -24.55 -1.42
C THR A 46 -12.25 -24.63 -1.16
N THR A 47 -12.82 -23.60 -0.53
CA THR A 47 -14.26 -23.60 -0.22
C THR A 47 -15.19 -23.36 -1.41
N LYS A 48 -14.60 -23.33 -2.60
CA LYS A 48 -15.34 -23.24 -3.85
C LYS A 48 -14.28 -23.52 -4.90
N ARG A 49 -14.65 -24.26 -5.94
CA ARG A 49 -13.70 -24.59 -6.96
C ARG A 49 -13.32 -23.36 -7.76
N CYS A 50 -12.01 -23.10 -7.81
CA CYS A 50 -11.47 -21.97 -8.58
C CYS A 50 -10.49 -22.52 -9.61
N HIS A 51 -10.43 -21.89 -10.78
CA HIS A 51 -9.54 -22.35 -11.85
C HIS A 51 -8.46 -21.29 -12.10
N LEU A 52 -7.24 -21.75 -12.37
CA LEU A 52 -6.13 -20.82 -12.61
C LEU A 52 -5.80 -20.57 -14.07
N ARG A 53 -6.44 -21.30 -14.96
CA ARG A 53 -6.16 -21.16 -16.39
C ARG A 53 -6.02 -19.69 -16.85
N SER A 54 -7.07 -18.91 -16.63
CA SER A 54 -7.07 -17.52 -17.05
C SER A 54 -6.04 -16.65 -16.33
N ILE A 55 -5.88 -16.89 -15.03
CA ILE A 55 -4.92 -16.16 -14.18
C ILE A 55 -3.47 -16.34 -14.64
N ILE A 56 -3.10 -17.58 -14.96
CA ILE A 56 -1.75 -17.89 -15.41
C ILE A 56 -1.49 -17.16 -16.74
N HIS A 57 -2.40 -17.30 -17.70
CA HIS A 57 -2.24 -16.60 -18.98
C HIS A 57 -2.15 -15.09 -18.75
N GLU A 58 -3.00 -14.56 -17.89
CA GLU A 58 -2.97 -13.13 -17.65
C GLU A 58 -1.65 -12.68 -17.05
N LEU A 59 -1.11 -13.46 -16.10
CA LEU A 59 0.17 -13.12 -15.47
C LEU A 59 1.28 -13.08 -16.52
N LEU A 60 1.29 -14.08 -17.41
CA LEU A 60 2.30 -14.17 -18.46
C LEU A 60 2.18 -12.99 -19.40
N TRP A 61 0.93 -12.58 -19.61
CA TRP A 61 0.62 -11.46 -20.48
C TRP A 61 1.14 -10.16 -19.83
N PHE A 62 0.96 -10.04 -18.51
CA PHE A 62 1.43 -8.86 -17.79
C PHE A 62 2.94 -8.75 -17.97
N LEU A 63 3.63 -9.87 -17.70
CA LEU A 63 5.07 -9.93 -17.77
C LEU A 63 5.66 -9.66 -19.16
N GLN A 64 4.89 -9.86 -20.22
CA GLN A 64 5.40 -9.56 -21.56
C GLN A 64 5.32 -8.06 -21.79
N GLY A 65 4.50 -7.38 -21.00
CA GLY A 65 4.36 -5.93 -21.14
C GLY A 65 3.43 -5.47 -22.25
N ASP A 66 2.79 -6.39 -22.94
CA ASP A 66 1.89 -6.00 -24.01
C ASP A 66 0.50 -5.80 -23.43
N THR A 67 -0.15 -4.69 -23.77
CA THR A 67 -1.50 -4.45 -23.26
C THR A 67 -2.57 -4.69 -24.33
N ASN A 68 -2.21 -5.37 -25.41
CA ASN A 68 -3.20 -5.69 -26.43
C ASN A 68 -3.67 -7.10 -26.09
N ILE A 69 -4.99 -7.32 -26.03
CA ILE A 69 -5.51 -8.63 -25.65
C ILE A 69 -5.40 -9.78 -26.64
N ALA A 70 -4.71 -9.55 -27.76
CA ALA A 70 -4.54 -10.59 -28.76
C ALA A 70 -4.11 -11.92 -28.15
N TYR A 71 -3.11 -11.88 -27.28
CA TYR A 71 -2.62 -13.09 -26.65
C TYR A 71 -3.70 -13.75 -25.79
N LEU A 72 -4.54 -12.93 -25.16
CA LEU A 72 -5.61 -13.44 -24.32
C LEU A 72 -6.67 -14.10 -25.20
N HIS A 73 -6.95 -13.49 -26.35
CA HIS A 73 -7.94 -14.05 -27.28
C HIS A 73 -7.44 -15.38 -27.81
N GLU A 74 -6.16 -15.45 -28.17
CA GLU A 74 -5.61 -16.68 -28.69
C GLU A 74 -5.75 -17.80 -27.69
N ASN A 75 -5.85 -17.43 -26.42
CA ASN A 75 -5.94 -18.46 -25.42
C ASN A 75 -7.29 -18.58 -24.73
N ASN A 76 -8.31 -18.00 -25.35
CA ASN A 76 -9.66 -18.11 -24.80
C ASN A 76 -9.75 -17.52 -23.39
N VAL A 77 -9.08 -16.38 -23.16
CA VAL A 77 -9.13 -15.71 -21.87
C VAL A 77 -9.94 -14.44 -22.09
N THR A 78 -11.09 -14.38 -21.44
CA THR A 78 -11.99 -13.25 -21.63
C THR A 78 -11.93 -12.11 -20.63
N ILE A 79 -11.08 -12.24 -19.63
CA ILE A 79 -10.96 -11.21 -18.58
C ILE A 79 -11.08 -9.75 -19.01
N TRP A 80 -10.34 -9.37 -20.04
CA TRP A 80 -10.35 -7.98 -20.50
C TRP A 80 -11.18 -7.71 -21.74
N ASP A 81 -11.74 -8.77 -22.32
CA ASP A 81 -12.54 -8.65 -23.53
C ASP A 81 -13.42 -7.42 -23.50
N GLU A 82 -14.22 -7.31 -22.45
CA GLU A 82 -15.15 -6.21 -22.28
C GLU A 82 -14.54 -4.80 -22.31
N TRP A 83 -13.23 -4.71 -22.14
CA TRP A 83 -12.60 -3.39 -22.09
C TRP A 83 -11.70 -3.00 -23.25
N ALA A 84 -11.25 -3.96 -24.05
CA ALA A 84 -10.38 -3.68 -25.18
C ALA A 84 -11.14 -2.89 -26.24
N ASP A 85 -10.44 -2.02 -26.97
CA ASP A 85 -11.13 -1.26 -28.01
C ASP A 85 -11.18 -2.06 -29.29
N GLU A 86 -11.60 -1.41 -30.38
CA GLU A 86 -11.71 -2.06 -31.68
C GLU A 86 -10.47 -2.87 -32.02
N ASN A 87 -9.29 -2.30 -31.76
CA ASN A 87 -8.05 -3.00 -32.06
C ASN A 87 -7.59 -3.91 -30.93
N GLY A 88 -8.42 -4.03 -29.89
CA GLY A 88 -8.06 -4.88 -28.76
C GLY A 88 -7.07 -4.25 -27.79
N ASP A 89 -7.01 -2.92 -27.75
CA ASP A 89 -6.09 -2.21 -26.86
C ASP A 89 -6.79 -1.75 -25.59
N LEU A 90 -6.03 -1.73 -24.50
CA LEU A 90 -6.57 -1.34 -23.19
C LEU A 90 -5.92 -0.07 -22.65
N GLY A 91 -4.87 0.38 -23.32
CA GLY A 91 -4.18 1.57 -22.87
C GLY A 91 -2.97 1.12 -22.06
N PRO A 92 -2.30 2.03 -21.34
CA PRO A 92 -1.12 1.64 -20.55
C PRO A 92 -1.47 1.01 -19.19
N VAL A 93 -2.11 -0.16 -19.22
CA VAL A 93 -2.46 -0.84 -17.97
C VAL A 93 -1.29 -1.71 -17.49
N TYR A 94 -1.51 -2.41 -16.38
CA TYR A 94 -0.51 -3.26 -15.74
C TYR A 94 0.77 -3.58 -16.50
N GLY A 95 0.68 -4.42 -17.53
CA GLY A 95 1.84 -4.81 -18.33
C GLY A 95 2.75 -3.66 -18.76
N LYS A 96 2.15 -2.61 -19.29
CA LYS A 96 2.90 -1.45 -19.74
C LYS A 96 3.65 -0.80 -18.58
N GLN A 97 2.99 -0.68 -17.43
CA GLN A 97 3.66 -0.05 -16.30
C GLN A 97 4.76 -0.91 -15.71
N TRP A 98 4.51 -2.21 -15.66
CA TRP A 98 5.47 -3.16 -15.10
C TRP A 98 6.79 -3.21 -15.90
N ARG A 99 6.67 -3.25 -17.23
CA ARG A 99 7.81 -3.37 -18.12
C ARG A 99 8.33 -2.10 -18.78
N ALA A 100 7.50 -1.07 -18.90
CA ALA A 100 7.92 0.15 -19.57
C ALA A 100 7.18 1.39 -19.12
N TRP A 101 7.31 1.73 -17.84
CA TRP A 101 6.66 2.94 -17.28
C TRP A 101 7.29 4.12 -18.05
N PRO A 102 6.46 4.94 -18.71
CA PRO A 102 6.93 6.11 -19.48
C PRO A 102 7.54 7.22 -18.64
N THR A 103 8.83 7.50 -18.86
CA THR A 103 9.49 8.57 -18.14
C THR A 103 9.21 9.92 -18.77
N PRO A 104 9.22 10.99 -17.96
CA PRO A 104 8.96 12.34 -18.48
C PRO A 104 9.75 12.61 -19.74
N ASP A 105 10.97 12.08 -19.75
CA ASP A 105 11.91 12.20 -20.84
C ASP A 105 11.34 11.51 -22.08
N GLY A 106 12.20 10.69 -22.66
CA GLY A 106 11.85 9.91 -23.82
C GLY A 106 12.44 8.57 -23.48
N ALA A 107 12.04 8.05 -22.32
CA ALA A 107 12.54 6.76 -21.84
C ALA A 107 11.45 5.87 -21.25
N HIS A 108 11.84 4.68 -20.83
CA HIS A 108 10.93 3.70 -20.24
C HIS A 108 11.63 2.93 -19.14
N ILE A 109 10.92 2.70 -18.03
CA ILE A 109 11.52 1.96 -16.92
C ILE A 109 10.91 0.58 -16.78
N ASP A 110 11.77 -0.43 -16.80
CA ASP A 110 11.38 -1.82 -16.66
C ASP A 110 11.44 -2.15 -15.18
N GLN A 111 10.31 -2.00 -14.50
CA GLN A 111 10.26 -2.27 -13.07
C GLN A 111 10.55 -3.72 -12.73
N ILE A 112 10.10 -4.64 -13.56
CA ILE A 112 10.34 -6.04 -13.30
C ILE A 112 11.84 -6.38 -13.28
N THR A 113 12.58 -5.93 -14.29
CA THR A 113 14.02 -6.20 -14.33
C THR A 113 14.71 -5.52 -13.14
N THR A 114 14.28 -4.29 -12.84
CA THR A 114 14.84 -3.57 -11.72
C THR A 114 14.70 -4.39 -10.47
N VAL A 115 13.51 -4.93 -10.25
CA VAL A 115 13.28 -5.74 -9.07
C VAL A 115 14.12 -7.02 -9.09
N LEU A 116 14.25 -7.66 -10.26
CA LEU A 116 15.07 -8.87 -10.36
C LEU A 116 16.51 -8.58 -9.91
N ASN A 117 17.07 -7.50 -10.42
CA ASN A 117 18.43 -7.10 -10.08
C ASN A 117 18.59 -6.72 -8.62
N GLN A 118 17.58 -6.09 -8.03
CA GLN A 118 17.69 -5.73 -6.61
C GLN A 118 17.69 -7.00 -5.78
N LEU A 119 16.76 -7.89 -6.06
CA LEU A 119 16.68 -9.13 -5.30
C LEU A 119 17.96 -9.97 -5.40
N LYS A 120 18.61 -9.94 -6.55
CA LYS A 120 19.83 -10.71 -6.75
C LYS A 120 21.08 -10.03 -6.20
N ASN A 121 21.17 -8.72 -6.38
CA ASN A 121 22.36 -7.97 -5.96
C ASN A 121 22.20 -7.02 -4.77
N ASP A 122 21.00 -6.89 -4.22
CA ASP A 122 20.80 -5.98 -3.08
C ASP A 122 19.47 -6.35 -2.41
N PRO A 123 19.35 -7.62 -1.98
CA PRO A 123 18.13 -8.14 -1.34
C PRO A 123 17.61 -7.47 -0.06
N ASP A 124 18.44 -6.71 0.64
CA ASP A 124 17.93 -6.05 1.85
C ASP A 124 17.40 -4.66 1.52
N SER A 125 17.44 -4.27 0.27
CA SER A 125 16.91 -2.97 -0.08
C SER A 125 15.50 -2.87 0.43
N ARG A 126 15.14 -1.68 0.94
CA ARG A 126 13.81 -1.47 1.46
C ARG A 126 12.89 -0.78 0.45
N ARG A 127 13.35 -0.72 -0.80
N ARG A 127 13.34 -0.74 -0.81
CA ARG A 127 12.54 -0.12 -1.87
CA ARG A 127 12.54 -0.12 -1.87
C ARG A 127 12.51 -1.01 -3.13
C ARG A 127 12.51 -1.01 -3.12
N ILE A 128 12.22 -2.29 -2.92
CA ILE A 128 12.12 -3.24 -4.03
C ILE A 128 10.62 -3.22 -4.34
N ILE A 129 10.25 -2.31 -5.23
CA ILE A 129 8.86 -2.04 -5.54
C ILE A 129 8.46 -1.98 -7.01
N VAL A 130 7.25 -2.45 -7.29
CA VAL A 130 6.69 -2.36 -8.63
C VAL A 130 5.36 -1.61 -8.45
N SER A 131 5.17 -0.53 -9.20
CA SER A 131 3.93 0.20 -9.09
C SER A 131 3.25 0.36 -10.42
N ALA A 132 1.93 0.17 -10.42
CA ALA A 132 1.16 0.31 -11.63
C ALA A 132 0.37 1.61 -11.56
N TRP A 133 0.45 2.29 -10.42
CA TRP A 133 -0.27 3.53 -10.25
C TRP A 133 0.48 4.71 -10.82
N ASN A 134 0.45 4.80 -12.15
CA ASN A 134 1.11 5.86 -12.89
C ASN A 134 0.07 6.95 -13.09
N VAL A 135 0.04 7.89 -12.14
CA VAL A 135 -0.90 9.00 -12.12
C VAL A 135 -1.01 9.73 -13.46
N GLY A 136 0.13 9.91 -14.12
CA GLY A 136 0.17 10.61 -15.38
C GLY A 136 -0.51 9.91 -16.54
N GLU A 137 -0.69 8.60 -16.43
CA GLU A 137 -1.33 7.85 -17.51
C GLU A 137 -2.66 7.20 -17.16
N LEU A 138 -3.12 7.43 -15.93
CA LEU A 138 -4.38 6.88 -15.45
C LEU A 138 -5.55 7.11 -16.42
N ASP A 139 -5.67 8.34 -16.91
CA ASP A 139 -6.76 8.70 -17.82
C ASP A 139 -6.69 8.00 -19.19
N LYS A 140 -5.57 7.36 -19.49
CA LYS A 140 -5.42 6.67 -20.77
C LYS A 140 -5.67 5.17 -20.66
N MET A 141 -5.83 4.66 -19.44
CA MET A 141 -6.08 3.24 -19.20
C MET A 141 -7.58 2.92 -19.28
N ALA A 142 -7.92 1.72 -19.74
CA ALA A 142 -9.32 1.30 -19.86
C ALA A 142 -9.94 1.19 -18.46
N LEU A 143 -9.13 0.82 -17.47
CA LEU A 143 -9.62 0.71 -16.10
C LEU A 143 -8.52 1.15 -15.14
N ALA A 144 -8.90 1.80 -14.04
CA ALA A 144 -7.91 2.22 -13.04
C ALA A 144 -7.41 0.94 -12.34
N PRO A 145 -6.08 0.78 -12.24
CA PRO A 145 -5.47 -0.40 -11.62
C PRO A 145 -6.02 -0.70 -10.22
N CYS A 146 -6.41 -1.95 -9.99
N CYS A 146 -6.36 -1.97 -10.01
CA CYS A 146 -6.91 -2.33 -8.67
CA CYS A 146 -6.89 -2.40 -8.73
C CYS A 146 -5.72 -2.82 -7.83
C CYS A 146 -5.72 -2.82 -7.82
N HIS A 147 -4.96 -3.78 -8.33
N HIS A 147 -4.88 -3.72 -8.32
CA HIS A 147 -3.79 -4.22 -7.57
CA HIS A 147 -3.72 -4.18 -7.57
C HIS A 147 -2.70 -3.25 -8.03
C HIS A 147 -2.66 -3.24 -8.03
N ALA A 148 -2.67 -2.10 -7.36
CA ALA A 148 -1.79 -1.01 -7.68
C ALA A 148 -0.34 -0.93 -7.30
N PHE A 149 0.09 -1.73 -6.34
CA PHE A 149 1.45 -1.55 -5.90
C PHE A 149 1.86 -2.80 -5.15
N PHE A 150 3.10 -3.24 -5.32
CA PHE A 150 3.58 -4.38 -4.53
C PHE A 150 5.06 -4.23 -4.22
N GLN A 151 5.47 -4.77 -3.09
CA GLN A 151 6.84 -4.64 -2.61
C GLN A 151 7.37 -6.02 -2.20
N PHE A 152 8.64 -6.27 -2.46
CA PHE A 152 9.29 -7.52 -2.11
C PHE A 152 10.20 -7.34 -0.89
N TYR A 153 10.53 -8.44 -0.24
CA TYR A 153 11.36 -8.41 0.96
C TYR A 153 12.06 -9.76 1.06
N VAL A 154 13.29 -9.78 1.56
CA VAL A 154 14.03 -11.04 1.69
C VAL A 154 14.57 -11.19 3.12
N ALA A 155 14.36 -12.37 3.69
CA ALA A 155 14.83 -12.69 5.02
C ALA A 155 15.19 -14.17 5.04
N ASP A 156 16.35 -14.48 5.61
CA ASP A 156 16.81 -15.85 5.71
C ASP A 156 16.56 -16.63 4.42
N GLY A 157 16.93 -16.02 3.29
CA GLY A 157 16.77 -16.66 2.00
C GLY A 157 15.37 -16.95 1.47
N LYS A 158 14.35 -16.33 2.05
CA LYS A 158 12.96 -16.52 1.62
C LYS A 158 12.42 -15.20 1.06
N LEU A 159 11.72 -15.30 -0.07
CA LEU A 159 11.18 -14.12 -0.74
C LEU A 159 9.75 -13.84 -0.31
N SER A 160 9.51 -12.66 0.25
CA SER A 160 8.17 -12.28 0.67
C SER A 160 7.67 -11.16 -0.25
N CYS A 161 6.37 -10.90 -0.24
CA CYS A 161 5.80 -9.87 -1.12
C CYS A 161 4.51 -9.35 -0.55
N GLN A 162 4.34 -8.03 -0.58
CA GLN A 162 3.11 -7.44 -0.07
C GLN A 162 2.43 -6.68 -1.21
N LEU A 163 1.14 -6.92 -1.41
CA LEU A 163 0.36 -6.25 -2.44
C LEU A 163 -0.56 -5.25 -1.81
N TYR A 164 -0.70 -4.07 -2.40
CA TYR A 164 -1.68 -3.13 -1.91
C TYR A 164 -2.79 -3.14 -2.95
N GLN A 165 -3.99 -3.57 -2.57
CA GLN A 165 -5.12 -3.61 -3.49
C GLN A 165 -6.11 -2.55 -3.02
N ARG A 166 -6.32 -1.54 -3.86
CA ARG A 166 -7.19 -0.42 -3.49
C ARG A 166 -8.68 -0.72 -3.37
N SER A 167 -9.12 -1.73 -4.11
CA SER A 167 -10.53 -2.08 -4.11
C SER A 167 -10.65 -3.57 -4.31
N CYS A 168 -11.50 -4.21 -3.53
CA CYS A 168 -11.60 -5.65 -3.62
C CYS A 168 -12.98 -6.26 -3.47
N ASP A 169 -13.39 -7.00 -4.50
CA ASP A 169 -14.66 -7.72 -4.48
C ASP A 169 -14.22 -9.03 -3.82
N VAL A 170 -14.50 -9.16 -2.53
CA VAL A 170 -14.07 -10.34 -1.77
C VAL A 170 -14.53 -11.68 -2.33
N PHE A 171 -15.80 -11.75 -2.72
CA PHE A 171 -16.30 -13.00 -3.24
C PHE A 171 -15.79 -13.40 -4.62
N LEU A 172 -15.89 -12.49 -5.58
CA LEU A 172 -15.48 -12.78 -6.95
C LEU A 172 -14.03 -12.53 -7.32
N GLY A 173 -13.49 -11.39 -6.93
CA GLY A 173 -12.14 -11.07 -7.31
C GLY A 173 -10.97 -11.57 -6.48
N LEU A 174 -11.05 -11.35 -5.17
CA LEU A 174 -9.97 -11.72 -4.27
C LEU A 174 -9.37 -13.13 -4.43
N PRO A 175 -10.18 -14.17 -4.68
CA PRO A 175 -9.55 -15.48 -4.82
C PRO A 175 -8.54 -15.51 -5.95
N PHE A 176 -8.87 -14.89 -7.07
CA PHE A 176 -7.97 -14.86 -8.21
C PHE A 176 -6.79 -13.93 -7.94
N ASN A 177 -7.06 -12.80 -7.29
CA ASN A 177 -6.01 -11.86 -6.96
C ASN A 177 -4.93 -12.51 -6.08
N ILE A 178 -5.33 -13.29 -5.08
CA ILE A 178 -4.34 -13.95 -4.21
C ILE A 178 -3.49 -14.97 -5.00
N ALA A 179 -4.16 -15.72 -5.87
CA ALA A 179 -3.48 -16.74 -6.65
C ALA A 179 -2.46 -16.12 -7.60
N SER A 180 -2.85 -15.05 -8.28
CA SER A 180 -1.95 -14.38 -9.23
C SER A 180 -0.63 -13.97 -8.60
N TYR A 181 -0.73 -13.22 -7.50
CA TYR A 181 0.48 -12.75 -6.84
C TYR A 181 1.26 -13.85 -6.17
N ALA A 182 0.58 -14.88 -5.68
CA ALA A 182 1.28 -16.01 -5.05
C ALA A 182 2.13 -16.67 -6.14
N LEU A 183 1.56 -16.78 -7.34
CA LEU A 183 2.24 -17.37 -8.48
C LEU A 183 3.47 -16.54 -8.86
N LEU A 184 3.32 -15.21 -8.90
CA LEU A 184 4.44 -14.33 -9.25
C LEU A 184 5.58 -14.49 -8.26
N VAL A 185 5.23 -14.64 -6.97
CA VAL A 185 6.25 -14.82 -5.93
C VAL A 185 7.03 -16.11 -6.19
N HIS A 186 6.33 -17.17 -6.59
CA HIS A 186 7.02 -18.43 -6.88
C HIS A 186 7.95 -18.30 -8.08
N MET A 187 7.48 -17.60 -9.11
CA MET A 187 8.29 -17.39 -10.30
C MET A 187 9.52 -16.52 -9.96
N MET A 188 9.27 -15.41 -9.27
CA MET A 188 10.35 -14.49 -8.88
C MET A 188 11.36 -15.23 -8.01
N ALA A 189 10.87 -16.00 -7.04
CA ALA A 189 11.76 -16.73 -6.15
C ALA A 189 12.61 -17.73 -6.93
N GLN A 190 12.00 -18.45 -7.86
CA GLN A 190 12.75 -19.42 -8.64
C GLN A 190 13.84 -18.71 -9.45
N GLN A 191 13.46 -17.64 -10.13
CA GLN A 191 14.41 -16.89 -10.92
C GLN A 191 15.54 -16.23 -10.13
N CYS A 192 15.32 -15.97 -8.83
CA CYS A 192 16.32 -15.35 -7.98
C CYS A 192 16.92 -16.35 -7.01
N ASP A 193 16.65 -17.63 -7.23
CA ASP A 193 17.19 -18.69 -6.38
C ASP A 193 16.93 -18.50 -4.90
N LEU A 194 15.68 -18.30 -4.53
CA LEU A 194 15.32 -18.14 -3.13
C LEU A 194 14.14 -19.06 -2.88
N GLU A 195 13.84 -19.28 -1.61
CA GLU A 195 12.71 -20.10 -1.22
C GLU A 195 11.53 -19.12 -1.14
N VAL A 196 10.31 -19.63 -1.03
CA VAL A 196 9.16 -18.74 -0.93
C VAL A 196 8.89 -18.36 0.52
N GLY A 197 8.55 -17.08 0.71
CA GLY A 197 8.25 -16.56 2.04
C GLY A 197 6.76 -16.31 2.21
N ASP A 198 6.39 -15.11 2.65
CA ASP A 198 4.97 -14.81 2.84
C ASP A 198 4.38 -13.93 1.77
N PHE A 199 3.12 -14.17 1.43
CA PHE A 199 2.43 -13.23 0.54
C PHE A 199 1.51 -12.49 1.50
N VAL A 200 1.72 -11.18 1.63
CA VAL A 200 0.91 -10.35 2.51
C VAL A 200 -0.06 -9.55 1.64
N TRP A 201 -1.35 -9.74 1.87
CA TRP A 201 -2.36 -9.02 1.09
C TRP A 201 -2.90 -7.89 1.94
N THR A 202 -2.86 -6.67 1.40
CA THR A 202 -3.38 -5.51 2.10
C THR A 202 -4.46 -4.87 1.23
N GLY A 203 -5.63 -4.64 1.81
CA GLY A 203 -6.70 -4.06 1.04
C GLY A 203 -7.15 -2.69 1.48
N GLY A 204 -7.72 -1.92 0.54
CA GLY A 204 -8.27 -0.60 0.81
C GLY A 204 -9.78 -0.80 0.99
N ASP A 205 -10.59 -0.38 0.02
CA ASP A 205 -12.04 -0.56 0.11
C ASP A 205 -12.32 -2.04 -0.17
N THR A 206 -12.54 -2.82 0.88
CA THR A 206 -12.78 -4.25 0.77
C THR A 206 -14.27 -4.51 1.00
N HIS A 207 -14.92 -5.03 -0.03
CA HIS A 207 -16.36 -5.23 0.03
C HIS A 207 -16.92 -6.58 -0.42
N LEU A 208 -18.20 -6.75 -0.11
CA LEU A 208 -18.96 -7.93 -0.48
C LEU A 208 -20.20 -7.29 -1.12
N TYR A 209 -20.46 -7.60 -2.39
CA TYR A 209 -21.62 -7.06 -3.08
C TYR A 209 -22.93 -7.61 -2.50
N SER A 210 -23.97 -6.78 -2.50
CA SER A 210 -25.25 -7.19 -1.93
C SER A 210 -25.86 -8.44 -2.57
N ASN A 211 -25.66 -8.59 -3.87
CA ASN A 211 -26.21 -9.74 -4.58
C ASN A 211 -25.32 -10.99 -4.48
N HIS A 212 -24.42 -11.01 -3.49
CA HIS A 212 -23.53 -12.16 -3.29
C HIS A 212 -23.79 -12.74 -1.91
N MET A 213 -24.88 -12.33 -1.28
CA MET A 213 -25.17 -12.81 0.07
C MET A 213 -25.47 -14.31 0.20
N ASP A 214 -26.26 -14.87 -0.71
CA ASP A 214 -26.58 -16.29 -0.61
C ASP A 214 -25.29 -17.09 -0.78
N GLN A 215 -24.50 -16.68 -1.74
CA GLN A 215 -23.22 -17.34 -2.02
C GLN A 215 -22.30 -17.24 -0.81
N THR A 216 -22.27 -16.06 -0.18
CA THR A 216 -21.42 -15.83 0.97
C THR A 216 -21.83 -16.69 2.17
N HIS A 217 -23.12 -16.73 2.49
CA HIS A 217 -23.55 -17.55 3.61
C HIS A 217 -23.22 -18.99 3.32
N LEU A 218 -23.41 -19.40 2.07
CA LEU A 218 -23.11 -20.78 1.73
C LEU A 218 -21.61 -21.06 1.92
N GLN A 219 -20.77 -20.22 1.36
CA GLN A 219 -19.35 -20.48 1.46
C GLN A 219 -18.85 -20.41 2.89
N LEU A 220 -19.41 -19.51 3.71
CA LEU A 220 -18.99 -19.40 5.10
C LEU A 220 -19.35 -20.67 5.89
N SER A 221 -20.25 -21.48 5.37
CA SER A 221 -20.67 -22.70 6.06
C SER A 221 -19.78 -23.88 5.71
N ARG A 222 -18.83 -23.66 4.81
CA ARG A 222 -17.92 -24.71 4.39
C ARG A 222 -16.58 -24.64 5.09
N GLU A 223 -16.04 -25.80 5.43
CA GLU A 223 -14.75 -25.89 6.11
C GLU A 223 -13.62 -25.91 5.07
N PRO A 224 -12.53 -25.17 5.31
CA PRO A 224 -11.42 -25.17 4.35
C PRO A 224 -10.74 -26.52 4.28
N ARG A 225 -10.17 -26.84 3.13
CA ARG A 225 -9.49 -28.11 2.99
C ARG A 225 -8.01 -27.85 2.82
N PRO A 226 -7.18 -28.89 2.91
CA PRO A 226 -5.74 -28.73 2.76
C PRO A 226 -5.35 -27.99 1.48
N LEU A 227 -4.44 -27.04 1.63
CA LEU A 227 -3.95 -26.26 0.51
C LEU A 227 -3.25 -27.12 -0.52
N PRO A 228 -3.45 -26.83 -1.80
CA PRO A 228 -2.79 -27.61 -2.85
C PRO A 228 -1.30 -27.21 -2.95
N LYS A 229 -0.57 -27.80 -3.89
CA LYS A 229 0.85 -27.49 -4.06
C LYS A 229 1.13 -27.13 -5.49
N LEU A 230 1.85 -26.04 -5.70
CA LEU A 230 2.18 -25.61 -7.05
C LEU A 230 3.42 -26.36 -7.54
N ILE A 231 3.37 -26.82 -8.77
CA ILE A 231 4.50 -27.53 -9.36
C ILE A 231 4.98 -26.71 -10.55
N ILE A 232 6.26 -26.40 -10.61
CA ILE A 232 6.78 -25.69 -11.78
C ILE A 232 7.69 -26.75 -12.38
N LYS A 233 7.32 -27.25 -13.56
CA LYS A 233 8.05 -28.33 -14.24
C LYS A 233 9.49 -28.09 -14.64
N ARG A 234 9.86 -26.85 -14.96
CA ARG A 234 11.23 -26.52 -15.33
C ARG A 234 11.56 -25.11 -14.86
N LYS A 235 12.85 -24.81 -14.82
CA LYS A 235 13.32 -23.49 -14.43
C LYS A 235 13.66 -22.76 -15.72
N PRO A 236 12.81 -21.82 -16.14
CA PRO A 236 13.06 -21.06 -17.37
C PRO A 236 14.36 -20.26 -17.25
N GLU A 237 14.86 -19.76 -18.37
CA GLU A 237 16.11 -18.99 -18.35
C GLU A 237 15.89 -17.56 -17.89
N SER A 238 14.64 -17.15 -17.71
CA SER A 238 14.32 -15.82 -17.22
C SER A 238 12.86 -15.71 -16.82
N ILE A 239 12.55 -14.71 -16.00
CA ILE A 239 11.18 -14.47 -15.52
C ILE A 239 10.25 -14.15 -16.70
N PHE A 240 10.82 -13.84 -17.86
CA PHE A 240 10.01 -13.52 -19.02
C PHE A 240 9.85 -14.68 -20.00
N ASP A 241 10.37 -15.84 -19.61
CA ASP A 241 10.30 -17.02 -20.49
C ASP A 241 9.45 -18.19 -20.00
N TYR A 242 8.54 -17.92 -19.08
CA TYR A 242 7.67 -18.97 -18.57
C TYR A 242 6.58 -19.29 -19.60
N ARG A 243 6.03 -20.49 -19.52
CA ARG A 243 4.98 -20.90 -20.43
C ARG A 243 3.82 -21.45 -19.63
N PHE A 244 2.62 -21.39 -20.20
CA PHE A 244 1.45 -21.91 -19.50
C PHE A 244 1.69 -23.34 -18.99
N GLU A 245 2.18 -24.19 -19.89
CA GLU A 245 2.42 -25.59 -19.58
C GLU A 245 3.45 -25.86 -18.49
N ASP A 246 4.16 -24.83 -18.04
CA ASP A 246 5.16 -25.03 -16.99
C ASP A 246 4.53 -25.28 -15.63
N PHE A 247 3.27 -24.85 -15.48
CA PHE A 247 2.60 -24.93 -14.20
C PHE A 247 1.61 -26.06 -14.00
N GLU A 248 1.58 -26.54 -12.77
CA GLU A 248 0.68 -27.61 -12.41
C GLU A 248 0.34 -27.43 -10.93
N ILE A 249 -0.86 -27.86 -10.54
CA ILE A 249 -1.29 -27.79 -9.17
C ILE A 249 -1.74 -29.19 -8.79
N GLU A 250 -1.21 -29.71 -7.68
CA GLU A 250 -1.62 -31.02 -7.23
C GLU A 250 -2.22 -30.95 -5.84
N GLY A 251 -3.09 -31.91 -5.53
CA GLY A 251 -3.71 -31.95 -4.22
C GLY A 251 -4.81 -30.92 -4.02
N TYR A 252 -5.42 -30.45 -5.11
CA TYR A 252 -6.50 -29.48 -4.99
C TYR A 252 -7.82 -30.26 -4.94
N ASP A 253 -8.50 -30.21 -3.80
CA ASP A 253 -9.76 -30.93 -3.61
C ASP A 253 -10.79 -29.97 -3.02
N PRO A 254 -11.25 -29.01 -3.82
CA PRO A 254 -12.22 -28.01 -3.40
C PRO A 254 -13.66 -28.44 -3.28
N HIS A 255 -14.42 -27.60 -2.59
CA HIS A 255 -15.84 -27.80 -2.44
C HIS A 255 -16.37 -27.40 -3.82
N PRO A 256 -17.63 -27.71 -4.13
CA PRO A 256 -18.22 -27.36 -5.42
C PRO A 256 -18.13 -25.87 -5.73
N GLY A 257 -17.95 -25.53 -7.00
CA GLY A 257 -17.87 -24.14 -7.37
C GLY A 257 -19.19 -23.44 -7.08
N ILE A 258 -19.13 -22.14 -6.82
CA ILE A 258 -20.35 -21.39 -6.55
C ILE A 258 -20.47 -20.31 -7.62
N LYS A 259 -21.52 -20.37 -8.43
CA LYS A 259 -21.69 -19.36 -9.48
C LYS A 259 -22.26 -18.08 -8.89
N ALA A 260 -21.96 -16.95 -9.51
CA ALA A 260 -22.48 -15.69 -8.99
C ALA A 260 -22.45 -14.62 -10.06
N PRO A 261 -23.39 -13.67 -9.98
CA PRO A 261 -23.46 -12.58 -10.96
C PRO A 261 -22.40 -11.49 -10.70
N VAL A 262 -21.81 -10.97 -11.77
CA VAL A 262 -20.78 -9.94 -11.66
C VAL A 262 -21.40 -8.55 -11.75
N ALA A 263 -20.90 -7.63 -10.92
CA ALA A 263 -21.40 -6.27 -10.91
C ALA A 263 -20.87 -5.51 -12.12
N CXM B 1 1.48 4.43 22.65
CA CXM B 1 0.08 3.96 22.42
CB CXM B 1 -0.47 4.51 21.10
CG CXM B 1 -0.46 6.02 20.98
SD CXM B 1 -1.06 6.58 19.36
CE CXM B 1 0.39 6.27 18.40
C CXM B 1 0.08 2.43 22.34
O CXM B 1 1.06 1.81 21.94
CN CXM B 1 1.75 5.51 23.42
ON1 CXM B 1 0.84 6.30 23.73
ON2 CXM B 1 2.92 5.70 23.77
N LYS B 2 -1.04 1.85 22.75
CA LYS B 2 -1.22 0.40 22.76
C LYS B 2 -0.70 -0.27 21.46
N GLN B 3 -1.30 0.06 20.33
CA GLN B 3 -0.83 -0.56 19.09
C GLN B 3 0.63 -0.28 18.76
N TYR B 4 1.13 0.89 19.14
CA TYR B 4 2.53 1.20 18.86
C TYR B 4 3.46 0.31 19.68
N LEU B 5 3.15 0.14 20.96
CA LEU B 5 3.98 -0.71 21.80
C LEU B 5 3.86 -2.18 21.37
N GLU B 6 2.69 -2.58 20.89
CA GLU B 6 2.52 -3.97 20.45
C GLU B 6 3.43 -4.21 19.26
N LEU B 7 3.50 -3.22 18.37
CA LEU B 7 4.37 -3.31 17.20
C LEU B 7 5.83 -3.46 17.64
N MET B 8 6.29 -2.65 18.61
CA MET B 8 7.68 -2.75 19.07
C MET B 8 7.95 -4.15 19.63
N GLN B 9 7.03 -4.65 20.43
CA GLN B 9 7.17 -5.97 21.04
C GLN B 9 7.26 -7.05 19.95
N LYS B 10 6.41 -6.93 18.94
CA LYS B 10 6.41 -7.88 17.83
C LYS B 10 7.75 -7.85 17.08
N VAL B 11 8.25 -6.66 16.77
CA VAL B 11 9.54 -6.60 16.07
C VAL B 11 10.59 -7.27 16.94
N LEU B 12 10.50 -7.04 18.24
CA LEU B 12 11.45 -7.65 19.16
C LEU B 12 11.37 -9.17 19.11
N ASP B 13 10.17 -9.69 19.32
CA ASP B 13 9.94 -11.13 19.35
C ASP B 13 10.07 -11.87 18.03
N GLU B 14 9.63 -11.25 16.95
CA GLU B 14 9.65 -11.94 15.67
C GLU B 14 10.56 -11.41 14.58
N GLY B 15 11.18 -10.27 14.82
CA GLY B 15 12.07 -9.70 13.82
C GLY B 15 13.26 -10.56 13.45
N THR B 16 13.72 -10.40 12.21
CA THR B 16 14.88 -11.12 11.72
C THR B 16 16.05 -10.18 11.83
N GLN B 17 17.19 -10.71 12.25
CA GLN B 17 18.38 -9.88 12.39
C GLN B 17 19.10 -9.74 11.06
N LYS B 18 19.57 -8.53 10.80
CA LYS B 18 20.31 -8.26 9.59
C LYS B 18 21.49 -7.37 9.93
N ASN B 19 22.36 -7.22 8.96
CA ASN B 19 23.51 -6.34 9.05
C ASN B 19 23.16 -5.59 7.77
N ASP B 20 23.20 -4.26 7.81
CA ASP B 20 22.79 -3.47 6.64
C ASP B 20 23.68 -2.51 5.92
N ALA B 21 22.97 -1.63 5.21
CA ALA B 21 23.56 -0.59 4.44
C ALA B 21 24.15 0.26 5.57
N THR B 22 25.48 0.42 5.49
CA THR B 22 26.27 1.14 6.48
C THR B 22 26.65 0.18 7.60
N GLY B 23 25.94 -0.95 7.64
CA GLY B 23 26.15 -2.00 8.63
C GLY B 23 25.46 -1.76 9.97
N THR B 24 24.50 -0.87 10.03
CA THR B 24 23.83 -0.61 11.30
C THR B 24 23.29 -1.88 11.93
N GLY B 25 22.50 -2.60 11.15
CA GLY B 25 21.89 -3.81 11.65
C GLY B 25 20.52 -3.47 12.19
N THR B 26 19.54 -4.30 11.88
CA THR B 26 18.20 -4.04 12.33
C THR B 26 17.51 -5.36 12.59
N LEU B 27 16.41 -5.27 13.33
CA LEU B 27 15.53 -6.41 13.57
C LEU B 27 14.35 -5.98 12.72
N SER B 28 13.85 -6.84 11.84
CA SER B 28 12.73 -6.42 11.01
C SER B 28 11.71 -7.48 10.71
N ILE B 29 10.49 -7.00 10.45
CA ILE B 29 9.38 -7.83 10.04
C ILE B 29 8.89 -7.17 8.75
N PHE B 30 8.06 -7.89 8.01
CA PHE B 30 7.57 -7.36 6.74
C PHE B 30 6.07 -7.47 6.67
N GLY B 31 5.41 -6.32 6.57
CA GLY B 31 3.96 -6.29 6.51
C GLY B 31 3.34 -6.20 7.88
N HIS B 32 2.70 -5.08 8.15
CA HIS B 32 2.05 -4.86 9.43
C HIS B 32 0.99 -3.82 9.19
N GLN B 33 -0.02 -3.78 10.06
CA GLN B 33 -1.09 -2.83 9.94
C GLN B 33 -1.60 -2.44 11.31
N MET B 34 -1.93 -1.16 11.48
CA MET B 34 -2.46 -0.66 12.74
C MET B 34 -3.63 0.25 12.39
N ARG B 35 -4.55 0.43 13.32
CA ARG B 35 -5.71 1.27 13.05
C ARG B 35 -5.95 2.28 14.17
N PHE B 36 -6.08 3.56 13.81
CA PHE B 36 -6.32 4.60 14.79
C PHE B 36 -7.63 5.35 14.57
N ASN B 37 -8.57 5.15 15.50
CA ASN B 37 -9.86 5.84 15.44
C ASN B 37 -9.55 7.24 15.93
N LEU B 38 -9.50 8.19 15.00
CA LEU B 38 -9.15 9.57 15.32
C LEU B 38 -10.11 10.20 16.34
N GLN B 39 -11.31 9.66 16.46
CA GLN B 39 -12.26 10.21 17.43
C GLN B 39 -11.92 9.82 18.87
N ASP B 40 -11.03 8.83 19.03
CA ASP B 40 -10.61 8.39 20.36
C ASP B 40 -9.56 9.38 20.90
N GLY B 41 -9.01 10.19 20.01
CA GLY B 41 -7.99 11.16 20.41
C GLY B 41 -6.88 11.20 19.37
N PHE B 42 -6.10 12.30 19.35
CA PHE B 42 -5.01 12.42 18.38
C PHE B 42 -3.93 11.42 18.71
N PRO B 43 -3.58 10.54 17.75
CA PRO B 43 -2.58 9.48 17.89
C PRO B 43 -1.11 9.87 18.04
N LEU B 44 -0.82 10.69 19.06
CA LEU B 44 0.54 11.11 19.34
C LEU B 44 1.11 10.27 20.51
N VAL B 45 2.12 9.47 20.24
CA VAL B 45 2.76 8.63 21.24
C VAL B 45 2.92 9.34 22.62
N THR B 46 2.42 8.71 23.68
CA THR B 46 2.53 9.27 25.03
C THR B 46 3.67 8.64 25.84
N THR B 47 4.16 7.47 25.40
CA THR B 47 5.23 6.81 26.14
C THR B 47 6.61 7.45 26.00
N LYS B 48 6.66 8.58 25.31
CA LYS B 48 7.88 9.39 25.18
C LYS B 48 7.39 10.70 24.58
N ARG B 49 7.83 11.81 25.14
CA ARG B 49 7.37 13.10 24.64
C ARG B 49 7.86 13.29 23.21
N CYS B 50 6.96 13.73 22.33
CA CYS B 50 7.24 14.01 20.93
C CYS B 50 6.68 15.40 20.61
N HIS B 51 7.42 16.19 19.83
CA HIS B 51 6.94 17.53 19.48
C HIS B 51 6.57 17.57 18.01
N LEU B 52 5.48 18.24 17.70
CA LEU B 52 5.01 18.32 16.33
C LEU B 52 5.38 19.58 15.58
N ARG B 53 6.12 20.49 16.22
CA ARG B 53 6.52 21.73 15.58
C ARG B 53 7.05 21.50 14.16
N SER B 54 8.07 20.66 14.03
CA SER B 54 8.67 20.39 12.73
C SER B 54 7.73 19.68 11.75
N ILE B 55 6.97 18.72 12.29
CA ILE B 55 6.01 17.92 11.53
C ILE B 55 4.93 18.80 10.88
N ILE B 56 4.46 19.78 11.64
CA ILE B 56 3.43 20.68 11.13
C ILE B 56 4.00 21.53 9.99
N HIS B 57 5.12 22.21 10.22
CA HIS B 57 5.70 23.01 9.15
C HIS B 57 5.97 22.14 7.94
N GLU B 58 6.53 20.96 8.16
CA GLU B 58 6.80 20.05 7.04
C GLU B 58 5.55 19.75 6.24
N LEU B 59 4.47 19.43 6.93
CA LEU B 59 3.21 19.12 6.24
C LEU B 59 2.69 20.31 5.46
N LEU B 60 2.77 21.51 6.05
CA LEU B 60 2.30 22.70 5.34
C LEU B 60 3.16 22.91 4.08
N TRP B 61 4.44 22.60 4.20
CA TRP B 61 5.43 22.73 3.14
C TRP B 61 5.12 21.71 2.03
N PHE B 62 4.68 20.49 2.42
CA PHE B 62 4.32 19.49 1.42
C PHE B 62 3.13 20.01 0.59
N LEU B 63 2.12 20.52 1.28
CA LEU B 63 0.90 21.01 0.63
C LEU B 63 1.10 22.17 -0.36
N GLN B 64 2.16 22.95 -0.15
CA GLN B 64 2.45 24.07 -1.04
C GLN B 64 3.08 23.55 -2.31
N GLY B 65 3.59 22.33 -2.24
CA GLY B 65 4.19 21.69 -3.38
C GLY B 65 5.59 22.13 -3.76
N ASP B 66 6.28 22.80 -2.83
CA ASP B 66 7.63 23.27 -3.10
C ASP B 66 8.61 22.31 -2.45
N THR B 67 9.70 22.02 -3.14
CA THR B 67 10.67 21.10 -2.58
C THR B 67 12.00 21.73 -2.18
N ASN B 68 12.04 23.06 -2.19
CA ASN B 68 13.25 23.75 -1.77
C ASN B 68 13.04 24.01 -0.30
N ILE B 69 14.06 23.78 0.51
CA ILE B 69 13.91 23.96 1.95
C ILE B 69 13.85 25.38 2.50
N ALA B 70 13.82 26.38 1.61
CA ALA B 70 13.75 27.78 2.06
C ALA B 70 12.76 27.99 3.19
N TYR B 71 11.51 27.58 2.99
CA TYR B 71 10.46 27.75 4.01
C TYR B 71 10.82 27.10 5.35
N LEU B 72 11.37 25.90 5.27
CA LEU B 72 11.75 25.15 6.47
C LEU B 72 12.88 25.89 7.21
N HIS B 73 13.86 26.40 6.47
CA HIS B 73 14.93 27.13 7.14
C HIS B 73 14.38 28.40 7.77
N GLU B 74 13.41 29.02 7.13
CA GLU B 74 12.81 30.22 7.71
C GLU B 74 12.18 29.90 9.06
N ASN B 75 11.73 28.67 9.23
CA ASN B 75 11.12 28.30 10.50
C ASN B 75 11.94 27.33 11.35
N ASN B 76 13.24 27.33 11.11
CA ASN B 76 14.20 26.48 11.81
C ASN B 76 13.81 25.02 11.87
N VAL B 77 13.41 24.44 10.73
CA VAL B 77 13.05 23.04 10.66
C VAL B 77 14.15 22.45 9.80
N THR B 78 14.97 21.62 10.44
CA THR B 78 16.12 21.02 9.80
C THR B 78 15.97 19.59 9.30
N ILE B 79 14.76 19.06 9.35
CA ILE B 79 14.45 17.69 8.90
C ILE B 79 15.15 17.30 7.60
N TRP B 80 15.10 18.17 6.60
CA TRP B 80 15.70 17.86 5.30
C TRP B 80 17.07 18.43 4.99
N ASP B 81 17.68 19.09 5.96
CA ASP B 81 18.99 19.72 5.79
C ASP B 81 20.04 18.76 5.21
N GLU B 82 20.16 17.59 5.82
CA GLU B 82 21.14 16.59 5.40
C GLU B 82 21.11 16.18 3.92
N TRP B 83 19.97 16.32 3.25
CA TRP B 83 19.86 15.90 1.86
C TRP B 83 19.68 16.99 0.80
N ALA B 84 19.43 18.22 1.22
CA ALA B 84 19.24 19.30 0.28
C ALA B 84 20.58 19.63 -0.37
N ASP B 85 20.56 20.19 -1.58
CA ASP B 85 21.81 20.55 -2.25
C ASP B 85 22.21 21.94 -1.78
N GLU B 86 23.31 22.47 -2.32
CA GLU B 86 23.77 23.79 -1.91
C GLU B 86 22.76 24.90 -2.24
N ASN B 87 21.82 24.60 -3.12
CA ASN B 87 20.80 25.57 -3.50
C ASN B 87 19.57 25.35 -2.60
N GLY B 88 19.65 24.35 -1.73
CA GLY B 88 18.54 24.04 -0.84
C GLY B 88 17.47 23.25 -1.57
N ASP B 89 17.83 22.60 -2.68
CA ASP B 89 16.86 21.82 -3.44
C ASP B 89 16.88 20.35 -3.11
N LEU B 90 15.75 19.69 -3.28
CA LEU B 90 15.63 18.26 -2.99
C LEU B 90 15.19 17.40 -4.17
N GLY B 91 14.79 18.04 -5.25
CA GLY B 91 14.33 17.28 -6.39
C GLY B 91 12.81 17.16 -6.25
N PRO B 92 12.14 16.39 -7.11
CA PRO B 92 10.70 16.23 -7.04
C PRO B 92 10.18 15.24 -5.99
N VAL B 93 10.44 15.54 -4.72
CA VAL B 93 9.98 14.69 -3.63
C VAL B 93 8.50 15.01 -3.32
N TYR B 94 7.98 14.44 -2.23
CA TYR B 94 6.60 14.61 -1.82
C TYR B 94 5.76 15.77 -2.38
N GLY B 95 6.05 16.98 -1.91
CA GLY B 95 5.28 18.13 -2.34
C GLY B 95 5.06 18.24 -3.83
N LYS B 96 6.11 17.99 -4.60
CA LYS B 96 6.04 18.08 -6.05
C LYS B 96 5.10 17.05 -6.65
N GLN B 97 5.17 15.82 -6.14
CA GLN B 97 4.32 14.75 -6.64
C GLN B 97 2.88 14.98 -6.22
N TRP B 98 2.72 15.40 -4.97
CA TRP B 98 1.40 15.68 -4.38
C TRP B 98 0.65 16.79 -5.12
N ARG B 99 1.37 17.85 -5.49
CA ARG B 99 0.74 19.01 -6.14
C ARG B 99 0.91 19.15 -7.64
N ALA B 100 1.97 18.55 -8.18
CA ALA B 100 2.21 18.69 -9.62
C ALA B 100 2.95 17.51 -10.24
N TRP B 101 2.30 16.35 -10.24
CA TRP B 101 2.87 15.15 -10.84
C TRP B 101 2.92 15.47 -12.33
N PRO B 102 4.14 15.50 -12.90
CA PRO B 102 4.34 15.80 -14.32
C PRO B 102 3.68 14.83 -15.29
N THR B 103 2.76 15.33 -16.09
CA THR B 103 2.11 14.50 -17.09
C THR B 103 2.81 14.84 -18.40
N PRO B 104 3.60 13.90 -18.95
CA PRO B 104 4.35 14.08 -20.20
C PRO B 104 3.66 14.88 -21.32
N ASP B 105 2.35 15.07 -21.23
CA ASP B 105 1.64 15.83 -22.26
C ASP B 105 1.97 17.32 -22.13
N GLY B 106 2.75 17.67 -21.12
CA GLY B 106 3.12 19.05 -20.92
C GLY B 106 2.70 19.66 -19.60
N ALA B 107 1.51 19.30 -19.12
CA ALA B 107 1.01 19.85 -17.87
C ALA B 107 1.42 19.00 -16.65
N HIS B 108 0.66 19.15 -15.57
CA HIS B 108 0.91 18.43 -14.34
C HIS B 108 -0.43 18.08 -13.69
N ILE B 109 -0.39 17.14 -12.75
CA ILE B 109 -1.59 16.69 -12.05
C ILE B 109 -1.56 17.03 -10.55
N ASP B 110 -2.56 17.77 -10.08
CA ASP B 110 -2.65 18.15 -8.68
C ASP B 110 -3.48 17.10 -7.97
N GLN B 111 -2.80 16.13 -7.35
CA GLN B 111 -3.47 15.04 -6.65
C GLN B 111 -4.23 15.47 -5.40
N ILE B 112 -3.73 16.48 -4.70
CA ILE B 112 -4.44 16.91 -3.51
C ILE B 112 -5.80 17.51 -3.91
N THR B 113 -5.83 18.34 -4.94
CA THR B 113 -7.11 18.93 -5.35
C THR B 113 -8.05 17.86 -5.92
N THR B 114 -7.50 16.88 -6.64
CA THR B 114 -8.31 15.80 -7.22
C THR B 114 -9.04 15.11 -6.09
N VAL B 115 -8.28 14.72 -5.08
CA VAL B 115 -8.83 14.06 -3.92
C VAL B 115 -9.85 14.92 -3.19
N LEU B 116 -9.60 16.22 -3.09
CA LEU B 116 -10.57 17.09 -2.42
C LEU B 116 -11.91 17.02 -3.15
N ASN B 117 -11.86 17.13 -4.47
CA ASN B 117 -13.06 17.08 -5.29
C ASN B 117 -13.76 15.74 -5.22
N GLN B 118 -12.97 14.66 -5.13
CA GLN B 118 -13.58 13.34 -5.05
C GLN B 118 -14.32 13.18 -3.73
N LEU B 119 -13.71 13.67 -2.66
CA LEU B 119 -14.35 13.54 -1.36
C LEU B 119 -15.65 14.34 -1.24
N LYS B 120 -15.75 15.44 -1.97
CA LYS B 120 -16.94 16.27 -1.92
C LYS B 120 -17.99 15.84 -2.94
N ASN B 121 -17.56 15.59 -4.17
CA ASN B 121 -18.45 15.20 -5.26
C ASN B 121 -18.77 13.70 -5.41
N ASP B 122 -17.77 12.85 -5.14
CA ASP B 122 -17.95 11.40 -5.29
C ASP B 122 -17.23 10.64 -4.18
N PRO B 123 -17.67 10.85 -2.93
CA PRO B 123 -17.10 10.22 -1.73
C PRO B 123 -17.09 8.69 -1.66
N ASP B 124 -17.81 8.02 -2.56
CA ASP B 124 -17.85 6.55 -2.53
C ASP B 124 -16.80 5.95 -3.43
N SER B 125 -16.11 6.79 -4.17
CA SER B 125 -15.08 6.32 -5.08
C SER B 125 -14.08 5.43 -4.35
N ARG B 126 -13.65 4.38 -5.03
CA ARG B 126 -12.67 3.45 -4.48
C ARG B 126 -11.27 3.72 -5.03
N ARG B 127 -11.05 4.94 -5.51
N ARG B 127 -11.04 4.94 -5.51
CA ARG B 127 -9.74 5.32 -6.03
CA ARG B 127 -9.74 5.32 -6.03
C ARG B 127 -9.39 6.78 -5.69
C ARG B 127 -9.37 6.77 -5.69
N ILE B 128 -9.64 7.16 -4.45
CA ILE B 128 -9.33 8.51 -3.98
C ILE B 128 -7.93 8.27 -3.41
N ILE B 129 -6.95 8.45 -4.28
CA ILE B 129 -5.56 8.14 -3.96
C ILE B 129 -4.54 9.23 -4.26
N VAL B 130 -3.50 9.29 -3.44
CA VAL B 130 -2.40 10.21 -3.66
C VAL B 130 -1.13 9.33 -3.63
N SER B 131 -0.34 9.35 -4.70
CA SER B 131 0.91 8.59 -4.70
C SER B 131 2.12 9.51 -4.87
N ALA B 132 3.18 9.24 -4.11
CA ALA B 132 4.40 10.01 -4.24
C ALA B 132 5.41 9.12 -4.97
N TRP B 133 5.01 7.90 -5.27
CA TRP B 133 5.91 6.96 -5.94
C TRP B 133 5.89 7.14 -7.44
N ASN B 134 6.51 8.23 -7.88
CA ASN B 134 6.61 8.53 -9.29
C ASN B 134 7.87 7.83 -9.77
N VAL B 135 7.69 6.63 -10.30
CA VAL B 135 8.79 5.79 -10.77
C VAL B 135 9.75 6.51 -11.74
N GLY B 136 9.19 7.31 -12.63
CA GLY B 136 10.00 8.01 -13.61
C GLY B 136 10.82 9.16 -13.06
N GLU B 137 10.57 9.57 -11.82
CA GLU B 137 11.33 10.68 -11.23
C GLU B 137 12.14 10.28 -9.99
N LEU B 138 12.03 9.01 -9.59
CA LEU B 138 12.76 8.53 -8.42
C LEU B 138 14.23 8.88 -8.44
N ASP B 139 14.86 8.74 -9.60
CA ASP B 139 16.28 9.00 -9.73
C ASP B 139 16.68 10.45 -9.49
N LYS B 140 15.71 11.37 -9.59
CA LYS B 140 15.96 12.78 -9.38
C LYS B 140 15.66 13.25 -7.96
N MET B 141 15.01 12.40 -7.17
CA MET B 141 14.69 12.75 -5.78
C MET B 141 15.90 12.60 -4.88
N ALA B 142 15.99 13.41 -3.83
CA ALA B 142 17.12 13.33 -2.92
C ALA B 142 17.03 12.06 -2.07
N LEU B 143 15.81 11.55 -1.92
CA LEU B 143 15.56 10.34 -1.12
C LEU B 143 14.32 9.65 -1.71
N ALA B 144 14.28 8.32 -1.71
CA ALA B 144 13.11 7.62 -2.24
C ALA B 144 12.02 7.76 -1.17
N PRO B 145 10.80 8.17 -1.59
CA PRO B 145 9.70 8.35 -0.62
C PRO B 145 9.46 7.13 0.26
N CYS B 146 9.37 7.34 1.57
N CYS B 146 9.34 7.40 1.56
CA CYS B 146 9.10 6.24 2.52
CA CYS B 146 9.09 6.37 2.57
C CYS B 146 7.58 6.11 2.65
C CYS B 146 7.57 6.17 2.66
N HIS B 147 6.88 7.22 2.90
N HIS B 147 6.84 7.27 2.80
CA HIS B 147 5.43 7.14 2.95
CA HIS B 147 5.38 7.23 2.85
C HIS B 147 5.01 7.35 1.48
C HIS B 147 5.00 7.37 1.40
N ALA B 148 4.95 6.24 0.73
CA ALA B 148 4.68 6.22 -0.69
C ALA B 148 3.31 6.39 -1.29
N PHE B 149 2.26 6.16 -0.52
CA PHE B 149 0.98 6.17 -1.16
C PHE B 149 -0.12 6.19 -0.10
N PHE B 150 -1.18 6.98 -0.28
CA PHE B 150 -2.28 6.94 0.67
C PHE B 150 -3.65 7.02 0.00
N GLN B 151 -4.63 6.39 0.61
CA GLN B 151 -5.98 6.34 0.06
C GLN B 151 -6.99 6.75 1.11
N PHE B 152 -8.03 7.43 0.65
CA PHE B 152 -9.11 7.90 1.50
C PHE B 152 -10.37 7.09 1.27
N TYR B 153 -11.26 7.14 2.25
CA TYR B 153 -12.49 6.37 2.21
C TYR B 153 -13.51 7.13 3.08
N VAL B 154 -14.78 7.05 2.70
CA VAL B 154 -15.83 7.73 3.45
C VAL B 154 -17.02 6.83 3.78
N ALA B 155 -17.39 6.81 5.06
CA ALA B 155 -18.52 6.03 5.49
C ALA B 155 -19.24 6.72 6.66
N ASP B 156 -20.55 6.88 6.52
CA ASP B 156 -21.37 7.52 7.57
C ASP B 156 -20.77 8.85 7.99
N GLY B 157 -20.46 9.70 7.00
CA GLY B 157 -19.89 11.00 7.31
C GLY B 157 -18.53 11.05 8.01
N LYS B 158 -17.80 9.95 8.02
CA LYS B 158 -16.47 9.93 8.65
C LYS B 158 -15.41 9.67 7.57
N LEU B 159 -14.33 10.43 7.61
CA LEU B 159 -13.25 10.31 6.63
C LEU B 159 -12.11 9.45 7.16
N SER B 160 -11.84 8.35 6.45
CA SER B 160 -10.76 7.43 6.82
C SER B 160 -9.65 7.60 5.80
N CYS B 161 -8.45 7.17 6.20
CA CYS B 161 -7.28 7.24 5.34
C CYS B 161 -6.29 6.11 5.68
N GLN B 162 -5.77 5.47 4.64
CA GLN B 162 -4.78 4.43 4.82
C GLN B 162 -3.48 4.83 4.13
N LEU B 163 -2.39 4.72 4.85
CA LEU B 163 -1.07 5.05 4.34
C LEU B 163 -0.28 3.76 4.17
N TYR B 164 0.48 3.68 3.08
CA TYR B 164 1.38 2.55 2.88
C TYR B 164 2.78 3.12 3.06
N GLN B 165 3.50 2.64 4.06
CA GLN B 165 4.87 3.10 4.32
C GLN B 165 5.79 1.92 3.97
N ARG B 166 6.62 2.09 2.95
CA ARG B 166 7.50 1.00 2.48
C ARG B 166 8.61 0.62 3.46
N SER B 167 9.07 1.57 4.25
CA SER B 167 10.15 1.34 5.18
C SER B 167 9.88 2.12 6.47
N CYS B 168 10.07 1.49 7.61
CA CYS B 168 9.77 2.18 8.84
C CYS B 168 10.70 1.97 10.03
N ASP B 169 11.31 3.05 10.50
CA ASP B 169 12.16 3.04 11.68
C ASP B 169 11.09 3.22 12.78
N VAL B 170 10.76 2.13 13.43
CA VAL B 170 9.74 2.12 14.46
C VAL B 170 9.96 3.08 15.62
N PHE B 171 11.18 3.12 16.13
CA PHE B 171 11.47 3.96 17.27
C PHE B 171 11.57 5.47 16.99
N LEU B 172 12.32 5.82 15.95
CA LEU B 172 12.55 7.22 15.61
C LEU B 172 11.55 7.86 14.64
N GLY B 173 11.22 7.16 13.56
CA GLY B 173 10.34 7.74 12.56
C GLY B 173 8.85 7.60 12.69
N LEU B 174 8.39 6.39 13.01
CA LEU B 174 6.99 6.08 13.13
C LEU B 174 6.09 7.02 13.95
N PRO B 175 6.53 7.46 15.15
CA PRO B 175 5.66 8.35 15.92
C PRO B 175 5.34 9.63 15.14
N PHE B 176 6.32 10.14 14.42
CA PHE B 176 6.12 11.35 13.64
C PHE B 176 5.28 11.08 12.39
N ASN B 177 5.55 9.96 11.73
CA ASN B 177 4.79 9.60 10.53
C ASN B 177 3.29 9.46 10.85
N ILE B 178 2.96 8.85 11.98
CA ILE B 178 1.54 8.72 12.34
C ILE B 178 0.92 10.11 12.58
N ALA B 179 1.62 10.96 13.29
CA ALA B 179 1.07 12.27 13.60
C ALA B 179 0.87 13.11 12.34
N SER B 180 1.83 13.05 11.41
CA SER B 180 1.74 13.80 10.16
C SER B 180 0.48 13.49 9.40
N TYR B 181 0.23 12.21 9.18
CA TYR B 181 -0.95 11.81 8.44
C TYR B 181 -2.23 11.96 9.24
N ALA B 182 -2.16 11.80 10.55
CA ALA B 182 -3.37 11.98 11.35
C ALA B 182 -3.80 13.45 11.19
N LEU B 183 -2.81 14.34 11.20
CA LEU B 183 -3.03 15.77 11.03
C LEU B 183 -3.70 16.04 9.69
N LEU B 184 -3.12 15.50 8.61
CA LEU B 184 -3.67 15.67 7.27
C LEU B 184 -5.13 15.20 7.17
N VAL B 185 -5.45 14.09 7.81
CA VAL B 185 -6.82 13.59 7.77
C VAL B 185 -7.75 14.63 8.36
N HIS B 186 -7.36 15.16 9.52
CA HIS B 186 -8.17 16.19 10.18
C HIS B 186 -8.38 17.39 9.28
N MET B 187 -7.32 17.84 8.60
CA MET B 187 -7.42 19.00 7.72
C MET B 187 -8.34 18.71 6.55
N MET B 188 -8.22 17.51 5.98
CA MET B 188 -9.05 17.11 4.86
C MET B 188 -10.50 17.01 5.31
N ALA B 189 -10.73 16.33 6.43
CA ALA B 189 -12.06 16.17 6.98
C ALA B 189 -12.71 17.54 7.13
N GLN B 190 -11.98 18.49 7.74
CA GLN B 190 -12.51 19.84 7.94
C GLN B 190 -12.91 20.49 6.62
N GLN B 191 -12.01 20.45 5.64
CA GLN B 191 -12.29 21.05 4.35
C GLN B 191 -13.47 20.42 3.61
N CYS B 192 -13.94 19.27 4.08
CA CYS B 192 -15.08 18.59 3.45
C CYS B 192 -16.27 18.44 4.42
N ASP B 193 -16.20 19.13 5.55
CA ASP B 193 -17.25 19.07 6.56
C ASP B 193 -17.59 17.64 6.97
N LEU B 194 -16.57 16.80 7.03
CA LEU B 194 -16.77 15.41 7.42
C LEU B 194 -16.16 15.25 8.78
N GLU B 195 -16.56 14.20 9.47
CA GLU B 195 -16.00 13.89 10.78
C GLU B 195 -14.77 13.01 10.50
N VAL B 196 -13.91 12.79 11.50
CA VAL B 196 -12.73 11.97 11.26
C VAL B 196 -12.95 10.49 11.55
N GLY B 197 -12.52 9.65 10.61
CA GLY B 197 -12.67 8.23 10.77
C GLY B 197 -11.44 7.54 11.32
N ASP B 198 -10.95 6.54 10.58
CA ASP B 198 -9.77 5.81 11.02
C ASP B 198 -8.55 6.16 10.21
N PHE B 199 -7.39 6.18 10.86
CA PHE B 199 -6.16 6.33 10.11
C PHE B 199 -5.60 4.90 10.16
N VAL B 200 -5.46 4.28 9.00
CA VAL B 200 -4.94 2.92 8.93
C VAL B 200 -3.48 2.99 8.48
N TRP B 201 -2.57 2.50 9.30
CA TRP B 201 -1.15 2.50 8.97
C TRP B 201 -0.71 1.13 8.54
N THR B 202 -0.13 1.05 7.34
CA THR B 202 0.35 -0.22 6.79
C THR B 202 1.83 -0.06 6.47
N GLY B 203 2.63 -1.02 6.91
CA GLY B 203 4.05 -0.94 6.65
C GLY B 203 4.64 -2.12 5.91
N GLY B 204 5.75 -1.87 5.21
CA GLY B 204 6.47 -2.90 4.50
C GLY B 204 7.59 -3.34 5.43
N ASP B 205 8.83 -2.96 5.13
CA ASP B 205 9.96 -3.32 5.96
C ASP B 205 9.88 -2.48 7.23
N THR B 206 9.41 -3.11 8.30
CA THR B 206 9.21 -2.42 9.57
C THR B 206 10.27 -2.92 10.51
N HIS B 207 11.10 -2.00 10.99
CA HIS B 207 12.24 -2.37 11.80
C HIS B 207 12.61 -1.49 12.98
N LEU B 208 13.48 -2.06 13.81
CA LEU B 208 14.04 -1.41 14.97
C LEU B 208 15.55 -1.52 14.76
N TYR B 209 16.26 -0.39 14.84
CA TYR B 209 17.71 -0.44 14.67
C TYR B 209 18.31 -1.02 15.95
N SER B 210 19.40 -1.76 15.81
CA SER B 210 20.02 -2.37 16.99
C SER B 210 20.39 -1.38 18.09
N ASN B 211 20.91 -0.21 17.70
CA ASN B 211 21.31 0.80 18.69
C ASN B 211 20.13 1.55 19.32
N HIS B 212 18.91 1.07 19.09
CA HIS B 212 17.73 1.67 19.68
C HIS B 212 17.13 0.66 20.65
N MET B 213 17.81 -0.47 20.85
CA MET B 213 17.30 -1.51 21.74
C MET B 213 17.14 -1.11 23.21
N ASP B 214 18.12 -0.43 23.77
CA ASP B 214 18.00 -0.02 25.17
C ASP B 214 16.83 0.94 25.29
N GLN B 215 16.75 1.88 24.35
CA GLN B 215 15.67 2.87 24.33
C GLN B 215 14.33 2.17 24.16
N THR B 216 14.30 1.15 23.31
CA THR B 216 13.05 0.43 23.07
C THR B 216 12.58 -0.24 24.36
N HIS B 217 13.49 -0.93 25.04
CA HIS B 217 13.14 -1.60 26.28
C HIS B 217 12.65 -0.57 27.29
N LEU B 218 13.35 0.54 27.38
CA LEU B 218 12.92 1.57 28.31
C LEU B 218 11.49 1.97 28.00
N GLN B 219 11.18 2.19 26.72
CA GLN B 219 9.84 2.62 26.37
C GLN B 219 8.80 1.53 26.62
N LEU B 220 9.18 0.29 26.35
CA LEU B 220 8.24 -0.80 26.56
C LEU B 220 7.85 -0.93 28.03
N SER B 221 8.70 -0.42 28.93
CA SER B 221 8.41 -0.49 30.36
C SER B 221 7.55 0.65 30.87
N ARG B 222 6.93 1.41 29.97
CA ARG B 222 6.08 2.53 30.38
C ARG B 222 4.65 2.34 29.92
N GLU B 223 3.70 2.86 30.70
CA GLU B 223 2.29 2.75 30.41
C GLU B 223 1.68 3.87 29.57
N PRO B 224 1.01 3.51 28.47
CA PRO B 224 0.39 4.52 27.61
C PRO B 224 -0.59 5.36 28.42
N ARG B 225 -0.70 6.63 28.07
CA ARG B 225 -1.60 7.52 28.78
C ARG B 225 -2.70 7.98 27.85
N PRO B 226 -3.72 8.65 28.38
CA PRO B 226 -4.81 9.12 27.53
C PRO B 226 -4.22 9.95 26.38
N LEU B 227 -4.83 9.86 25.21
CA LEU B 227 -4.34 10.59 24.05
C LEU B 227 -4.73 12.06 24.11
N PRO B 228 -3.85 12.94 23.61
CA PRO B 228 -4.17 14.37 23.63
C PRO B 228 -5.32 14.59 22.64
N LYS B 229 -5.77 15.83 22.49
CA LYS B 229 -6.82 16.14 21.55
C LYS B 229 -6.30 17.26 20.66
N LEU B 230 -6.65 17.21 19.38
CA LEU B 230 -6.22 18.21 18.41
C LEU B 230 -7.28 19.29 18.24
N ILE B 231 -6.81 20.54 18.16
CA ILE B 231 -7.67 21.70 18.01
C ILE B 231 -7.24 22.51 16.79
N ILE B 232 -8.19 22.81 15.89
CA ILE B 232 -7.89 23.62 14.72
C ILE B 232 -8.62 24.96 14.97
N LYS B 233 -7.85 26.05 15.04
CA LYS B 233 -8.39 27.38 15.34
C LYS B 233 -9.26 28.11 14.32
N ARG B 234 -9.35 27.60 13.10
CA ARG B 234 -10.18 28.25 12.10
C ARG B 234 -10.27 27.36 10.89
N LYS B 235 -11.21 27.65 10.00
CA LYS B 235 -11.36 26.88 8.79
C LYS B 235 -10.87 27.72 7.62
N PRO B 236 -9.64 27.47 7.15
CA PRO B 236 -9.05 28.22 6.04
C PRO B 236 -9.92 28.09 4.80
N GLU B 237 -9.74 29.02 3.86
CA GLU B 237 -10.53 28.99 2.63
C GLU B 237 -10.30 27.71 1.83
N SER B 238 -9.19 27.03 2.09
CA SER B 238 -8.88 25.79 1.40
C SER B 238 -7.85 24.99 2.17
N ILE B 239 -7.61 23.77 1.69
CA ILE B 239 -6.64 22.90 2.32
C ILE B 239 -5.26 23.52 2.18
N PHE B 240 -5.11 24.45 1.24
CA PHE B 240 -3.83 25.10 0.99
C PHE B 240 -3.54 26.39 1.77
N ASP B 241 -4.47 26.81 2.61
CA ASP B 241 -4.26 28.06 3.33
C ASP B 241 -4.13 27.97 4.84
N TYR B 242 -3.70 26.84 5.36
CA TYR B 242 -3.53 26.73 6.80
C TYR B 242 -2.21 27.37 7.20
N ARG B 243 -2.08 27.69 8.47
CA ARG B 243 -0.87 28.30 8.98
C ARG B 243 -0.47 27.54 10.22
N PHE B 244 0.83 27.52 10.50
CA PHE B 244 1.36 26.83 11.67
C PHE B 244 0.54 27.05 12.94
N GLU B 245 0.12 28.30 13.14
CA GLU B 245 -0.62 28.68 14.34
C GLU B 245 -2.04 28.14 14.46
N ASP B 246 -2.60 27.63 13.36
CA ASP B 246 -3.97 27.10 13.37
C ASP B 246 -4.09 25.82 14.20
N PHE B 247 -2.96 25.21 14.48
CA PHE B 247 -2.94 23.93 15.20
C PHE B 247 -2.48 24.01 16.64
N GLU B 248 -3.15 23.26 17.49
CA GLU B 248 -2.81 23.21 18.90
C GLU B 248 -3.28 21.86 19.45
N ILE B 249 -2.45 21.20 20.24
CA ILE B 249 -2.86 19.93 20.83
C ILE B 249 -2.98 20.16 22.33
N GLU B 250 -4.06 19.68 22.92
CA GLU B 250 -4.25 19.84 24.36
C GLU B 250 -4.33 18.49 25.05
N GLY B 251 -4.10 18.48 26.35
CA GLY B 251 -4.19 17.24 27.10
C GLY B 251 -3.06 16.27 26.83
N TYR B 252 -1.93 16.78 26.35
CA TYR B 252 -0.79 15.92 26.07
C TYR B 252 0.07 15.82 27.32
N ASP B 253 0.11 14.64 27.93
CA ASP B 253 0.87 14.44 29.15
C ASP B 253 1.73 13.20 29.08
N PRO B 254 2.79 13.24 28.24
CA PRO B 254 3.71 12.12 28.02
C PRO B 254 4.76 11.81 29.08
N HIS B 255 5.41 10.67 28.91
CA HIS B 255 6.50 10.25 29.76
C HIS B 255 7.64 11.06 29.16
N PRO B 256 8.78 11.13 29.86
CA PRO B 256 9.95 11.88 29.38
C PRO B 256 10.51 11.47 28.03
N GLY B 257 10.90 12.47 27.24
CA GLY B 257 11.46 12.19 25.94
C GLY B 257 12.63 11.24 26.10
N ILE B 258 12.89 10.45 25.07
CA ILE B 258 14.00 9.50 25.09
C ILE B 258 14.90 9.83 23.92
N LYS B 259 16.15 10.21 24.20
CA LYS B 259 17.10 10.55 23.15
C LYS B 259 17.72 9.29 22.54
N ALA B 260 17.96 9.33 21.23
CA ALA B 260 18.57 8.18 20.57
C ALA B 260 19.25 8.63 19.30
N PRO B 261 20.34 7.94 18.91
CA PRO B 261 21.11 8.24 17.70
C PRO B 261 20.43 7.79 16.40
N VAL B 262 20.53 8.62 15.36
CA VAL B 262 19.92 8.30 14.07
C VAL B 262 20.81 7.33 13.30
N ALA B 263 20.23 6.66 12.30
CA ALA B 263 20.97 5.71 11.48
C ALA B 263 21.65 6.38 10.28
N1 UMP C . -11.75 -5.89 -8.41
C2 UMP C . -11.17 -6.89 -7.68
N3 UMP C . -10.01 -7.48 -8.24
C4 UMP C . -9.52 -7.11 -9.47
C5 UMP C . -10.10 -6.05 -10.38
C6 UMP C . -11.33 -5.40 -9.75
O2 UMP C . -11.64 -7.27 -6.60
O4 UMP C . -8.48 -7.76 -10.09
C1' UMP C . -13.15 -5.50 -8.07
C2' UMP C . -13.10 -4.32 -7.07
C3' UMP C . -14.39 -3.58 -7.39
C4' UMP C . -14.41 -3.71 -8.91
O3' UMP C . -15.48 -4.31 -6.85
O4' UMP C . -13.73 -4.94 -9.24
C5' UMP C . -13.61 -2.53 -9.49
O5' UMP C . -14.38 -1.37 -9.16
P UMP C . -13.82 0.09 -8.67
OP1 UMP C . -15.01 0.98 -8.53
OP2 UMP C . -13.19 -0.11 -7.32
OP3 UMP C . -12.90 0.58 -9.72
C1 DDT D . -10.97 -11.38 -13.43
C2 DDT D . -11.83 -10.51 -14.14
C3 DDT D . -12.74 -11.01 -15.11
C4 DDT D . -12.83 -12.37 -15.35
C4A DDT D . -11.98 -13.31 -14.66
C5 DDT D . -12.04 -14.74 -14.92
C6 DDT D . -11.14 -15.61 -14.31
C7 DDT D . -10.15 -15.11 -13.41
C8 DDT D . -10.09 -13.76 -13.13
C8A DDT D . -11.00 -12.81 -13.72
C9 DDT D . -10.17 -11.37 -11.10
C10 DDT D . -9.77 -9.36 -12.46
N1 DDT D . -10.05 -10.83 -12.46
C11 DDT D . -15.42 -15.38 -14.10
C12 DDT D . -16.13 -16.69 -14.43
C13 DDT D . -16.44 -14.38 -13.47
C14 DDT D . -15.73 -13.13 -12.97
C15 DDT D . -14.73 -13.27 -11.98
C16 DDT D . -14.05 -12.15 -11.48
C17 DDT D . -14.40 -10.87 -11.98
C18 DDT D . -15.39 -10.72 -12.99
C19 DDT D . -16.06 -11.85 -13.47
S DDT D . -13.28 -15.48 -15.96
O1 DDT D . -13.17 -16.94 -15.72
O2 DDT D . -13.12 -15.02 -17.36
N DDT D . -14.76 -14.86 -15.35
OC1 DDT D . -17.16 -16.58 -15.11
OC2 DDT D . -15.55 -17.74 -14.08
O DDT D . -13.67 -9.74 -11.60
S' DDT D . -13.71 -9.00 -10.15
O1' DDT D . -12.45 -8.38 -9.85
O2' DDT D . -14.27 -9.88 -9.09
C1' DDT D . -15.20 -4.63 -12.63
C2' DDT D . -13.98 -4.70 -13.31
C3' DDT D . -13.06 -5.74 -13.07
C4' DDT D . -13.37 -6.73 -12.17
C4X DDT D . -14.62 -6.71 -11.46
C5' DDT D . -14.92 -7.73 -10.50
C6' DDT D . -16.06 -7.65 -9.74
C7' DDT D . -16.96 -6.56 -9.89
C8' DDT D . -16.70 -5.56 -10.81
C8X DDT D . -15.54 -5.64 -11.64
C9' DDT D . -15.56 -2.26 -13.44
CA' DDT D . -17.58 -3.70 -13.12
N1' DDT D . -16.10 -3.57 -12.99
N1 UMP E . 12.01 6.39 7.57
C2 UMP E . 10.94 6.40 8.44
N3 UMP E . 10.05 7.48 8.28
C4 UMP E . 10.26 8.50 7.35
C5 UMP E . 11.44 8.60 6.41
C6 UMP E . 12.39 7.42 6.55
O2 UMP E . 10.70 5.50 9.29
O4 UMP E . 9.39 9.60 7.28
C1' UMP E . 13.16 5.56 8.01
C2' UMP E . 12.90 4.13 7.49
C3' UMP E . 14.34 3.64 7.24
C4' UMP E . 15.08 4.94 6.82
O3' UMP E . 14.81 3.16 8.49
O4' UMP E . 14.36 6.04 7.39
C5' UMP E . 15.03 5.12 5.28
O5' UMP E . 15.97 4.20 4.72
P UMP E . 15.66 3.21 3.45
OP1 UMP E . 16.87 2.32 3.31
OP2 UMP E . 14.45 2.41 3.79
OP3 UMP E . 15.45 4.18 2.30
C1 DDT F . 12.09 13.47 10.59
C2 DDT F . 13.40 13.43 10.09
C3 DDT F . 14.45 14.17 10.69
C4 DDT F . 14.22 14.87 11.85
C4A DDT F . 12.91 14.90 12.44
C5 DDT F . 12.66 15.70 13.60
C6 DDT F . 11.38 15.85 14.11
C7 DDT F . 10.29 15.18 13.50
C8 DDT F . 10.51 14.38 12.40
C8A DDT F . 11.81 14.21 11.82
C9 DDT F . 11.10 12.57 8.42
C10 DDT F . 10.12 11.83 10.66
N1 DDT F . 11.14 12.63 9.91
C11 DDT F . 14.66 13.99 15.88
C12 DDT F . 14.77 14.51 17.33
C13 DDT F . 15.45 12.65 15.66
C14 DDT F . 15.04 11.97 14.35
C15 DDT F . 13.70 11.65 14.13
C16 DDT F . 13.31 10.96 12.97
C17 DDT F . 14.32 10.62 12.05
C18 DDT F . 15.68 10.94 12.23
C19 DDT F . 16.03 11.63 13.40
S DDT F . 14.05 16.35 14.47
O1 DDT F . 13.48 16.97 15.72
O2 DDT F . 14.79 17.27 13.55
N DDT F . 15.02 15.00 14.82
OC1 DDT F . 15.89 14.91 17.72
OC2 DDT F . 13.73 14.56 18.04
O DDT F . 13.95 10.18 10.80
S' DDT F . 13.57 8.64 10.53
O1' DDT F . 12.53 8.54 9.50
O2' DDT F . 13.33 7.94 11.79
C1' DDT F . 17.14 8.39 6.77
C2' DDT F . 16.45 9.41 6.12
C3' DDT F . 15.30 9.99 6.72
C4' DDT F . 14.86 9.56 7.95
C4X DDT F . 15.55 8.52 8.65
C5' DDT F . 15.07 8.01 9.91
C6' DDT F . 15.72 6.99 10.57
C7' DDT F . 16.89 6.43 10.01
C8' DDT F . 17.39 6.89 8.80
C8X DDT F . 16.74 7.94 8.09
C9' DDT F . 19.59 8.21 6.88
CA' DDT F . 18.39 7.89 4.68
N1' DDT F . 18.30 7.87 6.18
#